data_9MUJ
#
_entry.id   9MUJ
#
_cell.length_a   112.920
_cell.length_b   117.110
_cell.length_c   58.180
_cell.angle_alpha   90.00
_cell.angle_beta   90.00
_cell.angle_gamma   90.00
#
_symmetry.space_group_name_H-M   'P 21 21 2'
#
loop_
_entity.id
_entity.type
_entity.pdbx_description
1 polymer '23S rRNA methyltransferase'
2 polymer 'RNA (59-MER)'
3 non-polymer S-ADENOSYL-L-HOMOCYSTEINE
4 non-polymer S-ADENOSYLMETHIONINE
5 water water
#
loop_
_entity_poly.entity_id
_entity_poly.type
_entity_poly.pdbx_seq_one_letter_code
_entity_poly.pdbx_strand_id
1 'polypeptide(L)'
;MGSSHHHHHHSSGLVPRGSHMRIESPQNPRVKALAALKERKERERTGRFLVEGRREVERALEAGLSLETLLLGPKARPED
RALAGGAEVLELSERALARVSARENPAQVLGVFRLPRRSLAGVTLGAAPLVLVLLGLEKPGNLGAILRAADGAGADLVLV
AEGVDLFSPQVIRNSTGAVFALPVYPVAEEEAARFLEEQNLPLVAATPEGERLYWEGDYRGGVAFLLGAEDKGLPEAWKR
RAQVRVRIPMRGRADSLNVAVTAALLLYEALRQRSGGAPL
;
A,B
2 'polyribonucleotide' GUCGCAUCCUGGGGCUGAAGAAGGUCCCAAGGGUUGGGC(2MU)GUUCGCCCAUUAAAGCGGC C
#
loop_
_chem_comp.id
_chem_comp.type
_chem_comp.name
_chem_comp.formula
2MU RNA linking 2',5-DIMETHYLURIDINE-5'-MONOPHOSPHATE 'C11 H17 N2 O9 P'
A RNA linking ADENOSINE-5'-MONOPHOSPHATE 'C10 H14 N5 O7 P'
C RNA linking CYTIDINE-5'-MONOPHOSPHATE 'C9 H14 N3 O8 P'
G RNA linking GUANOSINE-5'-MONOPHOSPHATE 'C10 H14 N5 O8 P'
SAH non-polymer S-ADENOSYL-L-HOMOCYSTEINE 'C14 H20 N6 O5 S'
SAM non-polymer S-ADENOSYLMETHIONINE 'C15 H22 N6 O5 S'
U RNA linking URIDINE-5'-MONOPHOSPHATE 'C9 H13 N2 O9 P'
#
# COMPACT_ATOMS: atom_id res chain seq x y z
N MET A 21 3.61 -25.32 -29.39
CA MET A 21 4.47 -26.14 -28.55
C MET A 21 3.88 -26.28 -27.15
N ARG A 22 3.78 -27.51 -26.66
CA ARG A 22 3.24 -27.77 -25.33
C ARG A 22 4.38 -28.15 -24.40
N ILE A 23 4.32 -27.64 -23.17
CA ILE A 23 5.36 -27.87 -22.17
C ILE A 23 4.70 -28.36 -20.90
N GLU A 24 5.19 -29.49 -20.39
CA GLU A 24 4.69 -30.11 -19.15
C GLU A 24 5.65 -29.97 -17.98
N SER A 25 6.94 -30.28 -18.19
CA SER A 25 7.85 -30.44 -17.06
C SER A 25 8.28 -29.08 -16.52
N PRO A 26 8.12 -28.84 -15.21
CA PRO A 26 8.69 -27.62 -14.63
C PRO A 26 10.17 -27.48 -14.85
N GLN A 27 10.86 -28.59 -15.16
CA GLN A 27 12.29 -28.61 -15.42
C GLN A 27 12.64 -28.38 -16.89
N ASN A 28 11.65 -28.12 -17.74
CA ASN A 28 11.95 -27.78 -19.12
C ASN A 28 12.87 -26.56 -19.16
N PRO A 29 13.84 -26.52 -20.07
CA PRO A 29 14.79 -25.39 -20.07
C PRO A 29 14.14 -24.04 -20.38
N ARG A 30 13.11 -24.01 -21.23
CA ARG A 30 12.43 -22.76 -21.50
C ARG A 30 11.79 -22.20 -20.24
N VAL A 31 11.24 -23.08 -19.41
CA VAL A 31 10.58 -22.65 -18.18
C VAL A 31 11.58 -22.00 -17.22
N LYS A 32 12.79 -22.56 -17.13
CA LYS A 32 13.83 -21.92 -16.31
C LYS A 32 14.21 -20.56 -16.88
N ALA A 33 14.31 -20.48 -18.21
CA ALA A 33 14.60 -19.19 -18.84
C ALA A 33 13.49 -18.18 -18.55
N LEU A 34 12.23 -18.61 -18.72
CA LEU A 34 11.09 -17.73 -18.46
C LEU A 34 11.07 -17.28 -17.00
N ALA A 35 11.20 -18.21 -16.06
CA ALA A 35 11.20 -17.85 -14.65
C ALA A 35 12.37 -16.94 -14.29
N ALA A 36 13.46 -17.00 -15.06
CA ALA A 36 14.61 -16.14 -14.78
C ALA A 36 14.25 -14.66 -14.93
N LEU A 37 13.23 -14.35 -15.73
CA LEU A 37 12.92 -12.94 -16.05
C LEU A 37 12.37 -12.17 -14.82
N LYS A 38 12.06 -12.88 -13.74
CA LYS A 38 11.65 -12.18 -12.52
C LYS A 38 12.79 -11.37 -11.92
N GLU A 39 14.01 -11.66 -12.36
CA GLU A 39 15.21 -10.95 -11.84
C GLU A 39 15.56 -9.75 -12.74
N ARG A 40 15.79 -8.60 -12.13
CA ARG A 40 16.12 -7.36 -12.89
C ARG A 40 17.35 -7.59 -13.78
N LYS A 41 18.29 -8.41 -13.33
CA LYS A 41 19.55 -8.61 -14.07
C LYS A 41 19.27 -9.39 -15.37
N GLU A 42 18.36 -10.34 -15.31
CA GLU A 42 18.06 -11.17 -16.51
C GLU A 42 17.33 -10.28 -17.50
N ARG A 43 16.43 -9.44 -17.01
CA ARG A 43 15.69 -8.51 -17.90
C ARG A 43 16.71 -7.65 -18.64
N GLU A 44 17.70 -7.14 -17.93
CA GLU A 44 18.73 -6.27 -18.55
C GLU A 44 19.56 -7.09 -19.54
N ARG A 45 19.92 -8.31 -19.19
CA ARG A 45 20.75 -9.17 -20.06
C ARG A 45 20.00 -9.54 -21.33
N THR A 46 18.70 -9.83 -21.22
CA THR A 46 17.90 -10.33 -22.35
C THR A 46 17.25 -9.21 -23.12
N GLY A 47 16.89 -8.12 -22.45
CA GLY A 47 16.12 -7.04 -23.11
C GLY A 47 14.65 -7.38 -23.13
N ARG A 48 14.27 -8.44 -22.42
CA ARG A 48 12.86 -8.90 -22.40
C ARG A 48 12.35 -8.96 -20.96
N PHE A 49 11.04 -9.09 -20.80
CA PHE A 49 10.47 -9.16 -19.47
C PHE A 49 9.12 -9.86 -19.53
N LEU A 50 8.67 -10.31 -18.35
CA LEU A 50 7.45 -11.10 -18.21
C LEU A 50 6.32 -10.21 -17.75
N VAL A 51 5.16 -10.33 -18.39
CA VAL A 51 3.94 -9.63 -18.02
C VAL A 51 2.90 -10.69 -17.68
N GLU A 52 2.44 -10.71 -16.43
CA GLU A 52 1.60 -11.79 -15.93
C GLU A 52 0.18 -11.27 -15.69
N GLY A 53 -0.82 -12.01 -16.19
CA GLY A 53 -2.21 -11.63 -15.98
C GLY A 53 -2.89 -11.10 -17.22
N ARG A 54 -4.10 -11.60 -17.52
CA ARG A 54 -4.78 -11.23 -18.77
C ARG A 54 -4.88 -9.72 -18.92
N ARG A 55 -5.39 -9.03 -17.89
CA ARG A 55 -5.50 -7.58 -17.96
C ARG A 55 -4.17 -6.93 -18.26
N GLU A 56 -3.12 -7.38 -17.55
CA GLU A 56 -1.80 -6.75 -17.74
C GLU A 56 -1.28 -7.01 -19.13
N VAL A 57 -1.48 -8.23 -19.66
CA VAL A 57 -1.08 -8.50 -21.04
C VAL A 57 -1.88 -7.65 -22.01
N GLU A 58 -3.18 -7.48 -21.76
CA GLU A 58 -3.99 -6.62 -22.62
C GLU A 58 -3.43 -5.21 -22.65
N ARG A 59 -3.07 -4.67 -21.49
CA ARG A 59 -2.61 -3.28 -21.43
C ARG A 59 -1.27 -3.11 -22.10
N ALA A 60 -0.38 -4.12 -22.01
CA ALA A 60 0.89 -4.03 -22.71
C ALA A 60 0.69 -4.07 -24.22
N LEU A 61 -0.19 -4.95 -24.70
CA LEU A 61 -0.50 -5.01 -26.12
C LEU A 61 -1.10 -3.70 -26.62
N GLU A 62 -2.06 -3.18 -25.87
CA GLU A 62 -2.72 -1.93 -26.23
C GLU A 62 -1.76 -0.74 -26.19
N ALA A 63 -0.73 -0.81 -25.35
CA ALA A 63 0.24 0.27 -25.29
C ALA A 63 1.25 0.20 -26.43
N GLY A 64 1.18 -0.84 -27.26
CA GLY A 64 2.08 -0.98 -28.38
C GLY A 64 3.34 -1.75 -28.09
N LEU A 65 3.43 -2.42 -26.94
CA LEU A 65 4.61 -3.21 -26.64
C LEU A 65 4.65 -4.45 -27.52
N SER A 66 5.87 -4.91 -27.82
CA SER A 66 6.09 -5.99 -28.78
C SER A 66 6.07 -7.33 -28.06
N LEU A 67 5.07 -8.14 -28.36
CA LEU A 67 4.92 -9.45 -27.75
C LEU A 67 5.76 -10.48 -28.51
N GLU A 68 6.62 -11.19 -27.80
CA GLU A 68 7.45 -12.24 -28.38
C GLU A 68 6.92 -13.63 -28.13
N THR A 69 6.42 -13.89 -26.94
CA THR A 69 5.97 -15.24 -26.58
C THR A 69 4.75 -15.11 -25.67
N LEU A 70 3.65 -15.71 -26.08
CA LEU A 70 2.44 -15.79 -25.27
C LEU A 70 2.44 -17.12 -24.53
N LEU A 71 2.17 -17.08 -23.22
CA LEU A 71 2.11 -18.28 -22.40
C LEU A 71 0.66 -18.48 -21.97
N LEU A 72 0.10 -19.64 -22.29
CA LEU A 72 -1.28 -19.97 -21.96
C LEU A 72 -1.32 -21.13 -20.96
N GLY A 73 -2.02 -20.92 -19.84
CA GLY A 73 -2.20 -21.95 -18.85
C GLY A 73 -3.40 -22.84 -19.14
N PRO A 74 -3.55 -23.92 -18.36
CA PRO A 74 -4.61 -24.91 -18.67
C PRO A 74 -6.02 -24.33 -18.67
N LYS A 75 -6.29 -23.34 -17.84
CA LYS A 75 -7.63 -22.76 -17.72
C LYS A 75 -7.79 -21.49 -18.54
N ALA A 76 -6.90 -21.26 -19.51
CA ALA A 76 -7.05 -20.14 -20.43
C ALA A 76 -8.24 -20.38 -21.35
N ARG A 77 -8.77 -19.30 -21.90
CA ARG A 77 -9.96 -19.37 -22.73
C ARG A 77 -9.61 -19.13 -24.19
N PRO A 78 -10.48 -19.52 -25.13
CA PRO A 78 -10.10 -19.43 -26.55
C PRO A 78 -9.65 -18.06 -27.00
N GLU A 79 -10.26 -16.99 -26.49
CA GLU A 79 -9.88 -15.65 -26.95
C GLU A 79 -8.42 -15.34 -26.61
N ASP A 80 -7.92 -15.86 -25.50
CA ASP A 80 -6.53 -15.62 -25.11
C ASP A 80 -5.57 -15.92 -26.25
N ARG A 81 -5.75 -17.07 -26.89
CA ARG A 81 -4.84 -17.44 -27.98
C ARG A 81 -4.86 -16.43 -29.11
N ALA A 82 -6.00 -15.79 -29.36
CA ALA A 82 -6.02 -14.82 -30.45
C ALA A 82 -5.24 -13.56 -30.14
N LEU A 83 -4.78 -13.38 -28.89
CA LEU A 83 -3.98 -12.21 -28.54
C LEU A 83 -2.57 -12.26 -29.11
N ALA A 84 -2.10 -13.45 -29.51
CA ALA A 84 -0.68 -13.59 -29.81
C ALA A 84 -0.26 -12.82 -31.06
N GLY A 85 -1.16 -12.67 -32.03
CA GLY A 85 -0.87 -11.92 -33.24
C GLY A 85 0.48 -12.16 -33.88
N GLY A 86 0.89 -13.43 -34.01
CA GLY A 86 2.15 -13.73 -34.67
C GLY A 86 3.30 -14.09 -33.75
N ALA A 87 3.15 -13.90 -32.44
CA ALA A 87 4.20 -14.34 -31.53
C ALA A 87 4.10 -15.84 -31.32
N GLU A 88 5.17 -16.39 -30.75
CA GLU A 88 5.19 -17.82 -30.42
C GLU A 88 4.19 -18.06 -29.30
N VAL A 89 3.49 -19.18 -29.35
CA VAL A 89 2.46 -19.51 -28.37
C VAL A 89 2.87 -20.81 -27.67
N LEU A 90 2.95 -20.77 -26.34
CA LEU A 90 3.33 -21.93 -25.54
C LEU A 90 2.21 -22.29 -24.57
N GLU A 91 1.83 -23.56 -24.58
CA GLU A 91 0.90 -24.09 -23.58
C GLU A 91 1.71 -24.64 -22.41
N LEU A 92 1.29 -24.29 -21.20
CA LEU A 92 1.98 -24.67 -19.99
C LEU A 92 1.04 -25.45 -19.07
N SER A 93 1.56 -26.52 -18.50
CA SER A 93 0.83 -27.24 -17.47
C SER A 93 0.72 -26.37 -16.22
N GLU A 94 -0.16 -26.78 -15.30
CA GLU A 94 -0.26 -26.06 -14.03
C GLU A 94 1.08 -26.05 -13.29
N ARG A 95 1.90 -27.09 -13.50
CA ARG A 95 3.17 -27.21 -12.79
C ARG A 95 4.21 -26.23 -13.36
N ALA A 96 4.32 -26.17 -14.69
CA ALA A 96 5.27 -25.26 -15.30
C ALA A 96 4.84 -23.82 -15.11
N LEU A 97 3.54 -23.57 -15.22
CA LEU A 97 2.99 -22.24 -14.96
C LEU A 97 3.38 -21.75 -13.59
N ALA A 98 3.36 -22.65 -12.59
CA ALA A 98 3.68 -22.24 -11.22
C ALA A 98 5.12 -21.73 -11.12
N ARG A 99 6.05 -22.36 -11.84
CA ARG A 99 7.44 -21.94 -11.79
C ARG A 99 7.64 -20.57 -12.43
N VAL A 100 6.93 -20.29 -13.52
CA VAL A 100 7.18 -19.04 -14.21
C VAL A 100 6.50 -17.88 -13.48
N SER A 101 5.38 -18.14 -12.80
CA SER A 101 4.60 -17.08 -12.19
C SER A 101 5.34 -16.44 -11.02
N ALA A 102 5.07 -15.15 -10.81
CA ALA A 102 5.51 -14.42 -9.63
C ALA A 102 4.49 -14.48 -8.50
N ARG A 103 3.44 -15.27 -8.67
CA ARG A 103 2.29 -15.24 -7.79
C ARG A 103 2.10 -16.57 -7.09
N GLU A 104 1.64 -16.51 -5.84
CA GLU A 104 1.23 -17.73 -5.16
C GLU A 104 0.17 -18.47 -5.98
N ASN A 105 -0.77 -17.73 -6.56
CA ASN A 105 -1.73 -18.32 -7.47
C ASN A 105 -1.46 -17.87 -8.89
N PRO A 106 -0.98 -18.74 -9.77
CA PRO A 106 -0.53 -18.29 -11.10
C PRO A 106 -1.68 -17.83 -11.98
N ALA A 107 -1.46 -16.72 -12.69
CA ALA A 107 -2.38 -16.30 -13.73
C ALA A 107 -2.31 -17.27 -14.90
N GLN A 108 -3.37 -17.28 -15.71
CA GLN A 108 -3.51 -18.22 -16.83
C GLN A 108 -2.99 -17.66 -18.14
N VAL A 109 -2.73 -16.35 -18.21
CA VAL A 109 -2.21 -15.71 -19.40
C VAL A 109 -0.98 -14.90 -19.00
N LEU A 110 0.11 -15.07 -19.72
CA LEU A 110 1.32 -14.27 -19.51
C LEU A 110 1.94 -13.96 -20.86
N GLY A 111 2.72 -12.91 -20.90
CA GLY A 111 3.41 -12.52 -22.12
C GLY A 111 4.86 -12.16 -21.87
N VAL A 112 5.72 -12.66 -22.74
CA VAL A 112 7.10 -12.18 -22.81
C VAL A 112 7.17 -11.07 -23.86
N PHE A 113 7.52 -9.86 -23.42
CA PHE A 113 7.54 -8.68 -24.26
C PHE A 113 8.97 -8.14 -24.30
N ARG A 114 9.27 -7.41 -25.36
CA ARG A 114 10.57 -6.71 -25.43
C ARG A 114 10.42 -5.48 -24.53
N LEU A 115 11.44 -5.20 -23.73
CA LEU A 115 11.39 -4.02 -22.87
C LEU A 115 11.27 -2.77 -23.74
N PRO A 116 10.44 -1.81 -23.37
CA PRO A 116 10.25 -0.63 -24.21
C PRO A 116 11.40 0.36 -24.12
N ARG A 117 11.56 1.13 -25.19
CA ARG A 117 12.51 2.25 -25.24
C ARG A 117 11.71 3.54 -25.11
N ARG A 118 11.87 4.24 -24.00
CA ARG A 118 11.21 5.54 -23.85
C ARG A 118 12.17 6.54 -23.22
N SER A 119 12.15 7.74 -23.81
CA SER A 119 13.02 8.85 -23.36
C SER A 119 12.18 10.11 -23.15
N LEU A 120 12.66 11.01 -22.29
CA LEU A 120 11.96 12.27 -22.01
C LEU A 120 12.12 13.25 -23.20
N ALA A 121 13.01 12.92 -24.13
CA ALA A 121 13.25 13.79 -25.30
C ALA A 121 11.93 14.07 -26.01
N GLY A 122 11.14 13.03 -26.22
CA GLY A 122 9.90 13.26 -26.94
C GLY A 122 8.74 13.85 -26.14
N VAL A 123 8.96 14.26 -24.89
CA VAL A 123 7.85 14.64 -24.02
C VAL A 123 7.65 16.15 -24.06
N THR A 124 6.41 16.57 -24.28
CA THR A 124 6.01 17.96 -24.15
C THR A 124 4.87 18.05 -23.15
N LEU A 125 4.98 19.06 -22.30
CA LEU A 125 3.95 19.27 -21.27
C LEU A 125 3.13 20.50 -21.62
N GLY A 126 1.90 20.57 -21.14
CA GLY A 126 1.03 21.73 -21.39
C GLY A 126 1.30 22.84 -20.41
N ALA A 127 0.35 23.74 -20.25
CA ALA A 127 0.59 24.94 -19.44
C ALA A 127 0.66 24.66 -17.94
N ALA A 128 -0.16 23.75 -17.45
CA ALA A 128 -0.22 23.55 -16.00
C ALA A 128 -0.19 22.06 -15.70
N PRO A 129 0.98 21.40 -15.93
CA PRO A 129 1.07 19.97 -15.75
C PRO A 129 1.07 19.53 -14.30
N LEU A 130 0.63 18.31 -14.09
CA LEU A 130 0.68 17.71 -12.73
C LEU A 130 1.75 16.63 -12.80
N VAL A 131 2.85 16.83 -12.10
CA VAL A 131 4.00 15.89 -12.21
C VAL A 131 4.35 15.28 -10.86
N LEU A 132 4.73 14.01 -10.86
CA LEU A 132 5.22 13.34 -9.64
C LEU A 132 6.70 13.03 -9.84
N VAL A 133 7.51 13.27 -8.81
CA VAL A 133 8.97 12.92 -8.88
C VAL A 133 9.25 11.96 -7.72
N LEU A 134 9.58 10.72 -8.05
CA LEU A 134 9.81 9.69 -7.02
C LEU A 134 11.32 9.46 -6.87
N LEU A 135 11.84 9.77 -5.70
CA LEU A 135 13.28 9.74 -5.44
C LEU A 135 13.63 8.56 -4.54
N GLY A 136 14.27 7.54 -5.11
CA GLY A 136 14.81 6.44 -4.29
C GLY A 136 13.83 5.40 -3.81
N LEU A 137 12.67 5.28 -4.42
CA LEU A 137 11.67 4.31 -3.88
C LEU A 137 12.22 2.88 -4.04
N GLU A 138 12.01 2.03 -3.05
CA GLU A 138 12.61 0.67 -3.06
C GLU A 138 11.56 -0.43 -3.23
N LYS A 139 10.35 -0.20 -2.77
CA LYS A 139 9.35 -1.29 -2.76
C LYS A 139 8.51 -1.25 -4.05
N PRO A 140 8.56 -2.33 -4.86
CA PRO A 140 7.81 -2.37 -6.10
C PRO A 140 6.30 -2.17 -5.95
N GLY A 141 5.73 -2.62 -4.84
CA GLY A 141 4.30 -2.42 -4.58
C GLY A 141 3.98 -0.96 -4.43
N ASN A 142 4.86 -0.23 -3.76
CA ASN A 142 4.67 1.23 -3.56
C ASN A 142 4.67 1.91 -4.95
N LEU A 143 5.62 1.55 -5.80
CA LEU A 143 5.71 2.17 -7.14
C LEU A 143 4.42 1.87 -7.92
N GLY A 144 3.99 0.61 -7.94
CA GLY A 144 2.77 0.23 -8.66
C GLY A 144 1.57 0.98 -8.16
N ALA A 145 1.44 1.12 -6.84
CA ALA A 145 0.30 1.85 -6.24
C ALA A 145 0.33 3.32 -6.65
N ILE A 146 1.51 3.92 -6.63
CA ILE A 146 1.65 5.33 -7.08
C ILE A 146 1.17 5.44 -8.53
N LEU A 147 1.60 4.51 -9.37
CA LEU A 147 1.24 4.58 -10.80
C LEU A 147 -0.29 4.45 -10.96
N ARG A 148 -0.92 3.61 -10.14
CA ARG A 148 -2.41 3.47 -10.19
C ARG A 148 -3.06 4.81 -9.82
N ALA A 149 -2.55 5.45 -8.78
CA ALA A 149 -3.10 6.75 -8.33
C ALA A 149 -2.82 7.83 -9.38
N ALA A 150 -1.64 7.79 -9.98
CA ALA A 150 -1.28 8.76 -11.03
C ALA A 150 -2.24 8.58 -12.19
N ASP A 151 -2.60 7.34 -12.47
CA ASP A 151 -3.59 7.06 -13.55
C ASP A 151 -4.92 7.69 -13.14
N GLY A 152 -5.37 7.41 -11.91
CA GLY A 152 -6.65 7.95 -11.42
C GLY A 152 -6.71 9.45 -11.47
N ALA A 153 -5.64 10.13 -11.05
CA ALA A 153 -5.65 11.60 -10.97
C ALA A 153 -5.31 12.26 -12.32
N GLY A 154 -4.86 11.47 -13.28
CA GLY A 154 -4.50 12.03 -14.60
C GLY A 154 -3.19 12.78 -14.56
N ALA A 155 -2.19 12.23 -13.86
CA ALA A 155 -0.88 12.87 -13.81
C ALA A 155 -0.29 12.99 -15.21
N ASP A 156 0.36 14.11 -15.47
CA ASP A 156 0.91 14.29 -16.81
C ASP A 156 2.27 13.62 -16.99
N LEU A 157 2.97 13.39 -15.89
CA LEU A 157 4.33 12.82 -15.99
C LEU A 157 4.75 12.23 -14.64
N VAL A 158 5.35 11.06 -14.68
CA VAL A 158 5.92 10.47 -13.43
C VAL A 158 7.41 10.23 -13.69
N LEU A 159 8.26 10.91 -12.94
CA LEU A 159 9.72 10.69 -13.05
C LEU A 159 10.17 9.76 -11.91
N VAL A 160 10.70 8.60 -12.26
CA VAL A 160 11.19 7.63 -11.25
C VAL A 160 12.72 7.76 -11.19
N ALA A 161 13.20 8.38 -10.13
CA ALA A 161 14.64 8.63 -10.01
C ALA A 161 15.32 7.57 -9.16
N GLU A 162 16.14 6.74 -9.81
CA GLU A 162 16.96 5.74 -9.09
C GLU A 162 16.14 4.90 -8.10
N GLY A 163 15.04 4.34 -8.53
CA GLY A 163 14.35 3.47 -7.58
C GLY A 163 14.31 2.03 -8.00
N VAL A 164 13.33 1.30 -7.50
CA VAL A 164 13.12 -0.10 -7.95
C VAL A 164 12.74 -0.06 -9.44
N ASP A 165 13.02 -1.13 -10.18
CA ASP A 165 12.77 -1.16 -11.64
C ASP A 165 11.28 -1.03 -11.97
N LEU A 166 10.96 -0.19 -12.96
CA LEU A 166 9.56 0.04 -13.41
C LEU A 166 8.89 -1.25 -13.89
N PHE A 167 9.67 -2.22 -14.38
CA PHE A 167 9.06 -3.44 -14.97
C PHE A 167 9.24 -4.63 -14.03
N SER A 168 9.29 -4.35 -12.74
CA SER A 168 9.30 -5.45 -11.75
C SER A 168 7.88 -6.02 -11.70
N PRO A 169 7.71 -7.36 -11.60
CA PRO A 169 6.39 -7.94 -11.55
C PRO A 169 5.33 -7.24 -10.68
N GLN A 170 5.72 -6.80 -9.48
CA GLN A 170 4.76 -6.17 -8.55
C GLN A 170 4.35 -4.77 -9.02
N VAL A 171 5.24 -4.09 -9.75
CA VAL A 171 4.87 -2.77 -10.32
C VAL A 171 3.75 -3.04 -11.33
N ILE A 172 3.93 -4.07 -12.16
CA ILE A 172 2.92 -4.40 -13.20
C ILE A 172 1.60 -4.77 -12.52
N ARG A 173 1.66 -5.63 -11.50
CA ARG A 173 0.41 -6.11 -10.86
C ARG A 173 -0.24 -4.99 -10.07
N ASN A 174 0.53 -4.27 -9.26
CA ASN A 174 -0.07 -3.22 -8.39
C ASN A 174 -0.57 -2.05 -9.24
N SER A 175 0.01 -1.85 -10.42
CA SER A 175 -0.44 -0.80 -11.36
C SER A 175 -1.62 -1.32 -12.18
N THR A 176 -1.94 -2.59 -12.04
CA THR A 176 -3.01 -3.21 -12.86
C THR A 176 -2.72 -2.93 -14.32
N GLY A 177 -1.44 -2.95 -14.70
CA GLY A 177 -1.03 -2.72 -16.09
C GLY A 177 -0.87 -1.25 -16.44
N ALA A 178 -1.23 -0.35 -15.54
CA ALA A 178 -1.16 1.06 -15.90
C ALA A 178 0.26 1.51 -16.18
N VAL A 179 1.28 0.78 -15.70
CA VAL A 179 2.66 1.17 -15.96
C VAL A 179 2.94 1.28 -17.46
N PHE A 180 2.21 0.53 -18.29
CA PHE A 180 2.57 0.48 -19.72
C PHE A 180 2.12 1.71 -20.49
N ALA A 181 0.96 2.28 -20.15
CA ALA A 181 0.46 3.44 -20.86
C ALA A 181 0.79 4.76 -20.19
N LEU A 182 1.13 4.75 -18.91
CA LEU A 182 1.33 5.99 -18.17
C LEU A 182 2.61 6.71 -18.64
N PRO A 183 2.60 8.03 -18.66
CA PRO A 183 3.83 8.76 -18.96
C PRO A 183 4.82 8.69 -17.81
N VAL A 184 5.45 7.51 -17.67
CA VAL A 184 6.41 7.27 -16.55
C VAL A 184 7.80 7.00 -17.14
N TYR A 185 8.81 7.65 -16.58
CA TYR A 185 10.17 7.57 -17.16
C TYR A 185 11.20 7.37 -16.07
N PRO A 186 11.98 6.29 -16.15
CA PRO A 186 13.08 6.10 -15.22
C PRO A 186 14.16 7.09 -15.59
N VAL A 187 14.65 7.83 -14.61
CA VAL A 187 15.68 8.87 -14.87
C VAL A 187 16.75 8.84 -13.77
N ALA A 188 17.92 9.39 -14.08
CA ALA A 188 18.94 9.57 -13.03
C ALA A 188 18.55 10.80 -12.23
N GLU A 189 18.89 10.82 -10.95
CA GLU A 189 18.52 11.95 -10.06
C GLU A 189 18.93 13.28 -10.71
N GLU A 190 20.12 13.30 -11.29
CA GLU A 190 20.64 14.54 -11.91
C GLU A 190 19.78 14.95 -13.11
N GLU A 191 19.31 13.97 -13.88
CA GLU A 191 18.48 14.27 -15.07
C GLU A 191 17.11 14.80 -14.62
N ALA A 192 16.58 14.25 -13.52
CA ALA A 192 15.31 14.74 -12.98
C ALA A 192 15.47 16.23 -12.67
N ALA A 193 16.52 16.56 -11.92
CA ALA A 193 16.77 17.97 -11.56
C ALA A 193 16.92 18.81 -12.81
N ARG A 194 17.64 18.29 -13.80
CA ARG A 194 17.81 19.07 -15.02
C ARG A 194 16.48 19.27 -15.74
N PHE A 195 15.73 18.18 -15.92
CA PHE A 195 14.47 18.27 -16.64
C PHE A 195 13.51 19.21 -15.92
N LEU A 196 13.49 19.15 -14.58
CA LEU A 196 12.62 20.04 -13.83
C LEU A 196 13.01 21.50 -14.06
N GLU A 197 14.31 21.80 -14.02
CA GLU A 197 14.77 23.16 -14.30
C GLU A 197 14.43 23.57 -15.73
N GLU A 198 14.71 22.69 -16.69
CA GLU A 198 14.41 22.98 -18.08
C GLU A 198 12.94 23.35 -18.27
N GLN A 199 12.04 22.64 -17.61
CA GLN A 199 10.62 22.86 -17.75
C GLN A 199 10.11 24.00 -16.90
N ASN A 200 10.97 24.58 -16.05
CA ASN A 200 10.58 25.66 -15.14
C ASN A 200 9.41 25.23 -14.24
N LEU A 201 9.41 23.95 -13.81
CA LEU A 201 8.30 23.45 -13.00
C LEU A 201 8.55 23.72 -11.52
N PRO A 202 7.61 24.36 -10.84
CA PRO A 202 7.77 24.58 -9.38
C PRO A 202 7.80 23.25 -8.63
N LEU A 203 8.74 23.13 -7.71
CA LEU A 203 8.93 21.88 -6.98
C LEU A 203 8.25 21.99 -5.61
N VAL A 204 7.44 21.00 -5.29
CA VAL A 204 6.79 20.89 -3.98
C VAL A 204 7.28 19.61 -3.32
N ALA A 205 8.05 19.75 -2.25
CA ALA A 205 8.60 18.62 -1.54
C ALA A 205 7.61 18.16 -0.47
N ALA A 206 7.18 16.89 -0.54
CA ALA A 206 6.37 16.27 0.49
C ALA A 206 7.29 15.71 1.55
N THR A 207 7.17 16.22 2.77
CA THR A 207 8.01 15.68 3.82
C THR A 207 7.21 15.80 5.10
N PRO A 208 7.29 14.83 6.00
CA PRO A 208 6.42 14.84 7.18
C PRO A 208 6.56 16.08 8.03
N GLU A 209 7.71 16.75 7.95
CA GLU A 209 7.99 17.94 8.80
C GLU A 209 7.83 19.23 7.99
N GLY A 210 7.35 19.12 6.75
CA GLY A 210 7.09 20.29 5.93
C GLY A 210 6.42 21.44 6.66
N GLU A 211 6.83 22.66 6.36
CA GLU A 211 6.31 23.84 7.09
C GLU A 211 4.84 24.12 6.74
N ARG A 212 4.40 23.72 5.56
CA ARG A 212 3.03 24.07 5.12
C ARG A 212 2.13 22.83 4.99
N LEU A 213 0.90 22.95 5.47
CA LEU A 213 -0.08 21.87 5.26
C LEU A 213 -0.27 21.76 3.75
N TYR A 214 -0.39 20.54 3.24
CA TYR A 214 -0.48 20.34 1.77
C TYR A 214 -1.73 21.00 1.20
N TRP A 215 -2.79 21.11 1.98
CA TRP A 215 -4.03 21.76 1.52
C TRP A 215 -3.81 23.24 1.29
N GLU A 216 -2.74 23.81 1.85
CA GLU A 216 -2.48 25.27 1.78
C GLU A 216 -1.58 25.62 0.59
N GLY A 217 -1.21 24.66 -0.24
CA GLY A 217 -0.47 24.97 -1.46
C GLY A 217 -1.41 25.19 -2.62
N ASP A 218 -1.02 26.02 -3.58
CA ASP A 218 -1.84 26.21 -4.81
C ASP A 218 -1.29 25.31 -5.90
N TYR A 219 -2.10 24.38 -6.39
CA TYR A 219 -1.61 23.39 -7.37
C TYR A 219 -2.37 23.51 -8.69
N ARG A 220 -3.02 24.66 -8.88
CA ARG A 220 -3.76 24.91 -10.15
C ARG A 220 -2.75 25.23 -11.25
N GLY A 221 -1.62 25.81 -10.89
CA GLY A 221 -0.56 25.95 -11.88
C GLY A 221 0.27 24.67 -12.04
N GLY A 222 1.27 24.74 -12.92
CA GLY A 222 2.18 23.61 -13.08
C GLY A 222 2.87 23.31 -11.75
N VAL A 223 3.01 22.02 -11.44
CA VAL A 223 3.53 21.64 -10.14
C VAL A 223 4.16 20.26 -10.25
N ALA A 224 5.29 20.08 -9.55
CA ALA A 224 5.95 18.78 -9.44
C ALA A 224 6.05 18.43 -7.97
N PHE A 225 5.40 17.33 -7.61
CA PHE A 225 5.49 16.83 -6.22
C PHE A 225 6.68 15.90 -6.08
N LEU A 226 7.47 16.13 -5.04
CA LEU A 226 8.66 15.31 -4.78
C LEU A 226 8.36 14.40 -3.61
N LEU A 227 8.53 13.09 -3.86
CA LEU A 227 8.33 12.05 -2.83
C LEU A 227 9.67 11.33 -2.58
N GLY A 228 10.00 11.06 -1.32
CA GLY A 228 11.31 10.47 -0.99
C GLY A 228 11.26 8.99 -0.68
N ALA A 229 12.37 8.43 -0.23
CA ALA A 229 12.47 6.99 0.02
C ALA A 229 11.70 6.56 1.26
N GLU A 230 11.26 5.32 1.29
CA GLU A 230 10.45 4.79 2.40
C GLU A 230 11.26 4.80 3.71
N ASP A 231 12.57 4.61 3.63
CA ASP A 231 13.40 4.51 4.87
C ASP A 231 13.93 5.87 5.30
N LYS A 232 14.57 6.61 4.42
CA LYS A 232 15.25 7.86 4.82
C LYS A 232 14.55 9.12 4.32
N GLY A 233 13.56 8.97 3.44
CA GLY A 233 12.78 10.15 3.01
C GLY A 233 13.50 10.95 1.94
N LEU A 234 13.23 12.25 1.87
CA LEU A 234 13.82 13.11 0.81
C LEU A 234 15.23 13.55 1.23
N PRO A 235 16.21 13.64 0.29
CA PRO A 235 17.52 14.15 0.63
C PRO A 235 17.39 15.64 0.93
N GLU A 236 18.17 16.14 1.88
CA GLU A 236 18.12 17.58 2.22
C GLU A 236 18.28 18.42 0.95
N ALA A 237 19.17 18.02 0.05
CA ALA A 237 19.40 18.83 -1.15
C ALA A 237 18.10 19.03 -1.93
N TRP A 238 17.27 17.99 -2.02
CA TRP A 238 16.01 18.09 -2.76
C TRP A 238 14.99 18.93 -2.00
N LYS A 239 14.96 18.80 -0.68
CA LYS A 239 14.04 19.67 0.11
C LYS A 239 14.41 21.14 -0.14
N ARG A 240 15.72 21.45 -0.19
CA ARG A 240 16.14 22.84 -0.37
C ARG A 240 15.74 23.37 -1.75
N ARG A 241 15.84 22.53 -2.78
CA ARG A 241 15.50 22.98 -4.13
C ARG A 241 14.03 23.37 -4.24
N ALA A 242 13.17 22.79 -3.42
CA ALA A 242 11.73 22.99 -3.61
C ALA A 242 11.33 24.41 -3.21
N GLN A 243 10.35 24.95 -3.93
CA GLN A 243 9.80 26.24 -3.53
C GLN A 243 9.14 26.16 -2.16
N VAL A 244 8.48 25.03 -1.88
CA VAL A 244 7.71 24.87 -0.66
C VAL A 244 7.81 23.41 -0.26
N ARG A 245 7.82 23.20 1.06
CA ARG A 245 7.83 21.84 1.61
C ARG A 245 6.48 21.64 2.31
N VAL A 246 5.73 20.63 1.87
CA VAL A 246 4.37 20.44 2.41
C VAL A 246 4.29 19.18 3.27
N ARG A 247 3.39 19.19 4.22
CA ARG A 247 3.22 18.01 5.09
C ARG A 247 1.77 17.54 5.09
N ILE A 248 1.60 16.25 5.28
CA ILE A 248 0.24 15.70 5.47
C ILE A 248 0.13 15.48 6.98
N PRO A 249 -0.92 16.00 7.63
CA PRO A 249 -1.01 15.88 9.07
C PRO A 249 -0.98 14.44 9.56
N MET A 250 -0.28 14.21 10.67
CA MET A 250 -0.25 12.87 11.32
C MET A 250 -0.89 13.05 12.70
N ARG A 251 -2.07 12.50 12.92
CA ARG A 251 -2.82 12.78 14.17
C ARG A 251 -2.78 11.61 15.14
N GLY A 252 -1.99 10.59 14.86
CA GLY A 252 -2.01 9.41 15.70
C GLY A 252 -0.59 9.03 16.06
N ARG A 253 -0.34 7.72 16.09
CA ARG A 253 0.94 7.21 16.55
C ARG A 253 1.95 7.06 15.42
N ALA A 254 1.49 6.78 14.22
CA ALA A 254 2.42 6.73 13.07
C ALA A 254 3.14 8.06 12.89
N ASP A 255 4.43 7.99 12.58
CA ASP A 255 5.25 9.20 12.33
C ASP A 255 5.18 9.60 10.86
N SER A 256 4.78 8.67 10.00
CA SER A 256 4.80 8.89 8.55
C SER A 256 3.71 8.07 7.87
N LEU A 257 3.34 8.49 6.69
CA LEU A 257 2.37 7.70 5.90
C LEU A 257 3.17 6.90 4.88
N ASN A 258 2.55 5.89 4.32
CA ASN A 258 3.14 5.15 3.19
C ASN A 258 3.37 6.11 2.03
N VAL A 259 4.45 5.92 1.28
CA VAL A 259 4.81 6.83 0.16
C VAL A 259 3.71 6.89 -0.91
N ALA A 260 3.08 5.76 -1.20
CA ALA A 260 2.04 5.71 -2.25
C ALA A 260 0.78 6.44 -1.77
N VAL A 261 0.44 6.27 -0.50
CA VAL A 261 -0.74 6.97 0.08
C VAL A 261 -0.46 8.48 -0.03
N THR A 262 0.76 8.89 0.30
CA THR A 262 1.14 10.32 0.24
C THR A 262 0.95 10.83 -1.17
N ALA A 263 1.53 10.14 -2.14
CA ALA A 263 1.41 10.54 -3.56
C ALA A 263 -0.05 10.71 -3.96
N ALA A 264 -0.89 9.75 -3.61
CA ALA A 264 -2.33 9.81 -3.96
C ALA A 264 -2.96 11.03 -3.32
N LEU A 265 -2.68 11.23 -2.04
CA LEU A 265 -3.25 12.38 -1.31
C LEU A 265 -2.87 13.68 -2.00
N LEU A 266 -1.62 13.82 -2.42
CA LEU A 266 -1.15 15.06 -3.10
C LEU A 266 -1.83 15.21 -4.47
N LEU A 267 -1.82 14.14 -5.25
CA LEU A 267 -2.45 14.16 -6.58
C LEU A 267 -3.92 14.55 -6.48
N TYR A 268 -4.65 13.99 -5.52
CA TYR A 268 -6.11 14.25 -5.45
C TYR A 268 -6.38 15.63 -4.88
N GLU A 269 -5.50 16.14 -4.03
CA GLU A 269 -5.69 17.53 -3.56
C GLU A 269 -5.56 18.45 -4.77
N ALA A 270 -4.58 18.22 -5.62
CA ALA A 270 -4.36 19.05 -6.81
C ALA A 270 -5.55 18.90 -7.74
N LEU A 271 -6.04 17.67 -7.88
CA LEU A 271 -7.22 17.42 -8.73
C LEU A 271 -8.43 18.15 -8.13
N ARG A 272 -8.59 18.09 -6.81
CA ARG A 272 -9.68 18.82 -6.15
C ARG A 272 -9.59 20.30 -6.54
N GLN A 273 -8.40 20.86 -6.41
CA GLN A 273 -8.22 22.28 -6.73
C GLN A 273 -8.48 22.53 -8.21
N ARG A 274 -8.05 21.62 -9.06
CA ARG A 274 -8.20 21.84 -10.51
C ARG A 274 -9.66 21.58 -10.91
N SER A 275 -10.44 20.98 -10.02
CA SER A 275 -11.85 20.65 -10.32
C SER A 275 -12.78 21.74 -9.77
N GLY A 276 -12.21 22.79 -9.19
CA GLY A 276 -13.02 23.92 -8.71
C GLY A 276 -12.76 24.28 -7.27
N GLY A 277 -11.99 23.46 -6.56
CA GLY A 277 -11.77 23.69 -5.13
C GLY A 277 -10.76 24.76 -4.86
N ALA A 278 -10.90 25.41 -3.72
CA ALA A 278 -9.93 26.44 -3.33
C ALA A 278 -8.91 25.89 -2.34
N PRO A 279 -7.64 26.31 -2.47
CA PRO A 279 -6.65 26.00 -1.44
C PRO A 279 -7.14 26.44 -0.06
N LEU A 280 -6.68 25.76 0.97
CA LEU A 280 -7.06 26.09 2.34
C LEU A 280 -6.49 27.45 2.75
N MET B 21 22.27 -19.71 29.59
CA MET B 21 20.99 -19.01 29.48
C MET B 21 20.70 -18.63 28.01
N ARG B 22 21.77 -18.35 27.27
CA ARG B 22 21.62 -18.03 25.83
C ARG B 22 21.00 -19.22 25.10
N ILE B 23 20.07 -18.95 24.22
CA ILE B 23 19.37 -20.01 23.49
C ILE B 23 19.91 -20.05 22.05
N GLU B 24 20.64 -21.12 21.76
CA GLU B 24 21.36 -21.16 20.46
C GLU B 24 20.76 -22.15 19.45
N SER B 25 20.09 -23.18 19.93
CA SER B 25 19.63 -24.19 18.99
C SER B 25 18.23 -23.84 18.49
N PRO B 26 18.02 -23.79 17.17
CA PRO B 26 16.65 -23.69 16.64
C PRO B 26 15.74 -24.78 17.18
N GLN B 27 16.34 -25.86 17.66
CA GLN B 27 15.50 -27.00 18.10
C GLN B 27 15.18 -26.90 19.60
N ASN B 28 15.75 -25.91 20.29
CA ASN B 28 15.40 -25.70 21.72
C ASN B 28 13.88 -25.71 21.87
N PRO B 29 13.33 -26.49 22.81
CA PRO B 29 11.90 -26.46 23.07
C PRO B 29 11.25 -25.08 23.14
N ARG B 30 11.95 -24.10 23.69
CA ARG B 30 11.36 -22.74 23.86
C ARG B 30 11.18 -22.10 22.48
N VAL B 31 12.14 -22.31 21.60
CA VAL B 31 12.06 -21.75 20.23
C VAL B 31 10.83 -22.37 19.57
N LYS B 32 10.60 -23.66 19.82
CA LYS B 32 9.43 -24.35 19.21
C LYS B 32 8.16 -23.63 19.63
N ALA B 33 8.03 -23.34 20.91
CA ALA B 33 6.80 -22.69 21.41
C ALA B 33 6.68 -21.26 20.86
N LEU B 34 7.79 -20.56 20.72
CA LEU B 34 7.75 -19.16 20.25
C LEU B 34 7.36 -19.15 18.77
N ALA B 35 7.90 -20.09 17.99
CA ALA B 35 7.59 -20.17 16.55
C ALA B 35 6.12 -20.58 16.33
N ALA B 36 5.55 -21.30 17.28
CA ALA B 36 4.16 -21.75 17.16
C ALA B 36 3.22 -20.55 17.14
N LEU B 37 3.67 -19.45 17.72
CA LEU B 37 2.82 -18.26 17.75
C LEU B 37 2.57 -17.68 16.37
N LYS B 38 3.30 -18.12 15.34
CA LYS B 38 2.97 -17.70 13.99
C LYS B 38 1.56 -18.10 13.58
N GLU B 39 0.98 -19.07 14.30
CA GLU B 39 -0.38 -19.55 13.97
C GLU B 39 -1.41 -18.85 14.87
N ARG B 40 -2.46 -18.26 14.26
CA ARG B 40 -3.52 -17.60 15.05
C ARG B 40 -4.10 -18.60 16.04
N LYS B 41 -4.35 -19.83 15.59
CA LYS B 41 -4.86 -20.89 16.50
C LYS B 41 -4.02 -20.87 17.78
N GLU B 42 -2.69 -20.86 17.65
CA GLU B 42 -1.87 -20.92 18.85
C GLU B 42 -1.94 -19.63 19.64
N ARG B 43 -1.99 -18.49 18.94
CA ARG B 43 -2.16 -17.21 19.64
C ARG B 43 -3.44 -17.18 20.45
N GLU B 44 -4.53 -17.69 19.88
CA GLU B 44 -5.79 -17.72 20.63
C GLU B 44 -5.67 -18.65 21.82
N ARG B 45 -5.09 -19.84 21.61
CA ARG B 45 -4.93 -20.79 22.71
C ARG B 45 -4.11 -20.20 23.85
N THR B 46 -2.91 -19.70 23.54
CA THR B 46 -2.02 -19.20 24.57
C THR B 46 -2.40 -17.80 25.05
N GLY B 47 -3.14 -17.03 24.25
CA GLY B 47 -3.37 -15.65 24.59
C GLY B 47 -2.15 -14.78 24.43
N ARG B 48 -1.28 -15.13 23.49
CA ARG B 48 -0.01 -14.43 23.30
C ARG B 48 0.23 -14.23 21.82
N PHE B 49 1.03 -13.22 21.49
CA PHE B 49 1.38 -13.01 20.09
C PHE B 49 2.74 -12.34 20.01
N LEU B 50 3.37 -12.48 18.85
CA LEU B 50 4.75 -11.95 18.71
C LEU B 50 4.74 -10.62 17.96
N VAL B 51 5.52 -9.65 18.44
CA VAL B 51 5.67 -8.35 17.74
C VAL B 51 7.13 -8.25 17.28
N GLU B 52 7.37 -8.27 15.97
CA GLU B 52 8.76 -8.28 15.45
C GLU B 52 9.15 -6.85 15.03
N GLY B 53 10.32 -6.38 15.49
CA GLY B 53 10.81 -5.05 15.08
C GLY B 53 10.83 -4.09 16.25
N ARG B 54 11.98 -3.47 16.51
CA ARG B 54 12.10 -2.49 17.61
C ARG B 54 10.95 -1.48 17.53
N ARG B 55 10.73 -0.90 16.36
CA ARG B 55 9.67 0.12 16.19
C ARG B 55 8.34 -0.44 16.66
N GLU B 56 8.01 -1.62 16.21
CA GLU B 56 6.70 -2.21 16.53
C GLU B 56 6.62 -2.56 18.02
N VAL B 57 7.68 -3.14 18.56
CA VAL B 57 7.73 -3.47 20.02
C VAL B 57 7.54 -2.17 20.82
N GLU B 58 8.30 -1.14 20.47
CA GLU B 58 8.17 0.19 21.12
C GLU B 58 6.70 0.65 21.09
N ARG B 59 6.07 0.53 19.93
CA ARG B 59 4.69 1.04 19.78
C ARG B 59 3.72 0.19 20.61
N ALA B 60 3.95 -1.11 20.65
CA ALA B 60 3.12 -1.99 21.49
C ALA B 60 3.27 -1.59 22.95
N LEU B 61 4.50 -1.33 23.36
CA LEU B 61 4.70 -0.91 24.74
C LEU B 61 4.01 0.42 25.01
N GLU B 62 4.24 1.40 24.15
CA GLU B 62 3.64 2.72 24.35
C GLU B 62 2.13 2.64 24.28
N ALA B 63 1.59 1.64 23.59
CA ALA B 63 0.15 1.42 23.58
C ALA B 63 -0.37 0.80 24.88
N GLY B 64 0.52 0.36 25.77
CA GLY B 64 0.08 -0.23 27.01
C GLY B 64 -0.09 -1.73 26.99
N LEU B 65 0.40 -2.40 25.96
CA LEU B 65 0.25 -3.85 25.92
C LEU B 65 1.25 -4.48 26.87
N SER B 66 0.92 -5.67 27.34
CA SER B 66 1.70 -6.33 28.39
C SER B 66 2.75 -7.23 27.73
N LEU B 67 4.01 -6.89 27.92
CA LEU B 67 5.11 -7.70 27.42
C LEU B 67 5.36 -8.86 28.38
N GLU B 68 5.31 -10.10 27.87
CA GLU B 68 5.63 -11.29 28.66
C GLU B 68 7.05 -11.76 28.48
N THR B 69 7.55 -11.71 27.23
CA THR B 69 8.90 -12.23 26.95
C THR B 69 9.58 -11.35 25.91
N LEU B 70 10.78 -10.86 26.22
CA LEU B 70 11.55 -10.05 25.24
C LEU B 70 12.58 -10.95 24.55
N LEU B 71 12.58 -10.97 23.22
CA LEU B 71 13.54 -11.81 22.46
C LEU B 71 14.65 -10.90 21.88
N LEU B 72 15.89 -11.13 22.27
CA LEU B 72 17.02 -10.29 21.79
C LEU B 72 17.98 -11.11 20.92
N GLY B 73 18.29 -10.60 19.75
CA GLY B 73 19.25 -11.28 18.87
C GLY B 73 20.66 -10.80 19.09
N PRO B 74 21.64 -11.37 18.37
CA PRO B 74 23.02 -11.04 18.62
C PRO B 74 23.39 -9.59 18.41
N LYS B 75 22.65 -8.89 17.56
CA LYS B 75 22.95 -7.50 17.25
C LYS B 75 22.05 -6.51 17.99
N ALA B 76 21.30 -6.95 19.00
CA ALA B 76 20.50 -6.03 19.79
C ALA B 76 21.42 -5.00 20.47
N ARG B 77 20.84 -3.84 20.74
CA ARG B 77 21.58 -2.73 21.39
C ARG B 77 21.40 -2.81 22.90
N PRO B 78 22.32 -2.28 23.72
CA PRO B 78 22.10 -2.26 25.18
C PRO B 78 20.74 -1.74 25.60
N GLU B 79 20.25 -0.69 24.93
CA GLU B 79 18.96 -0.09 25.34
C GLU B 79 17.82 -1.10 25.17
N ASP B 80 17.93 -2.01 24.21
CA ASP B 80 16.84 -2.97 23.93
C ASP B 80 16.46 -3.76 25.19
N ARG B 81 17.46 -4.26 25.92
CA ARG B 81 17.17 -5.08 27.13
C ARG B 81 16.32 -4.26 28.10
N ALA B 82 16.60 -2.96 28.22
CA ALA B 82 15.88 -2.14 29.19
C ALA B 82 14.41 -1.95 28.86
N LEU B 83 13.95 -2.40 27.67
CA LEU B 83 12.53 -2.37 27.33
C LEU B 83 11.72 -3.39 28.12
N ALA B 84 12.38 -4.34 28.80
CA ALA B 84 11.69 -5.53 29.30
C ALA B 84 10.70 -5.22 30.41
N GLY B 85 11.03 -4.30 31.30
CA GLY B 85 10.09 -3.98 32.37
C GLY B 85 9.68 -5.16 33.23
N GLY B 86 10.63 -6.06 33.52
CA GLY B 86 10.32 -7.22 34.34
C GLY B 86 9.86 -8.45 33.58
N ALA B 87 9.77 -8.38 32.27
CA ALA B 87 9.50 -9.59 31.51
C ALA B 87 10.76 -10.44 31.44
N GLU B 88 10.53 -11.72 31.16
CA GLU B 88 11.69 -12.61 30.93
C GLU B 88 12.39 -12.15 29.65
N VAL B 89 13.69 -12.06 29.70
CA VAL B 89 14.51 -11.70 28.53
C VAL B 89 15.26 -12.94 28.05
N LEU B 90 15.09 -13.28 26.78
CA LEU B 90 15.79 -14.40 26.16
C LEU B 90 16.77 -13.92 25.12
N GLU B 91 18.01 -14.38 25.22
CA GLU B 91 19.02 -14.05 24.20
C GLU B 91 18.98 -15.20 23.20
N LEU B 92 18.74 -14.87 21.93
CA LEU B 92 18.61 -15.93 20.91
C LEU B 92 19.74 -15.82 19.89
N SER B 93 20.26 -16.96 19.44
CA SER B 93 21.21 -16.92 18.34
C SER B 93 20.50 -16.49 17.07
N GLU B 94 21.27 -16.23 16.02
CA GLU B 94 20.65 -15.89 14.73
C GLU B 94 19.84 -17.10 14.25
N ARG B 95 20.35 -18.29 14.52
CA ARG B 95 19.66 -19.47 14.03
C ARG B 95 18.33 -19.69 14.76
N ALA B 96 18.30 -19.47 16.07
CA ALA B 96 17.03 -19.57 16.79
C ALA B 96 16.08 -18.44 16.40
N LEU B 97 16.62 -17.23 16.24
CA LEU B 97 15.82 -16.09 15.77
C LEU B 97 15.12 -16.39 14.46
N ALA B 98 15.85 -16.94 13.48
CA ALA B 98 15.30 -17.20 12.15
C ALA B 98 14.07 -18.10 12.21
N ARG B 99 13.98 -18.93 13.23
CA ARG B 99 12.83 -19.87 13.34
C ARG B 99 11.61 -19.13 13.88
N VAL B 100 11.83 -18.14 14.73
CA VAL B 100 10.71 -17.43 15.32
C VAL B 100 10.21 -16.31 14.41
N SER B 101 11.12 -15.70 13.67
CA SER B 101 10.80 -14.54 12.81
C SER B 101 9.88 -14.88 11.64
N ALA B 102 9.22 -13.87 11.12
CA ALA B 102 8.38 -14.06 9.92
C ALA B 102 9.13 -13.49 8.74
N ARG B 103 10.41 -13.22 8.92
CA ARG B 103 11.19 -12.54 7.85
C ARG B 103 12.39 -13.35 7.41
N GLU B 104 12.71 -13.31 6.12
CA GLU B 104 13.98 -13.87 5.68
C GLU B 104 15.13 -13.34 6.49
N ASN B 105 15.14 -12.03 6.79
CA ASN B 105 16.20 -11.39 7.56
C ASN B 105 15.60 -10.86 8.85
N PRO B 106 15.62 -11.63 9.97
CA PRO B 106 14.92 -11.22 11.18
C PRO B 106 15.33 -9.94 11.87
N ALA B 107 14.42 -9.39 12.67
CA ALA B 107 14.78 -8.20 13.48
C ALA B 107 15.57 -8.70 14.70
N GLN B 108 16.29 -7.79 15.37
CA GLN B 108 17.07 -8.18 16.57
C GLN B 108 16.22 -8.01 17.82
N VAL B 109 15.06 -7.34 17.69
CA VAL B 109 14.17 -7.08 18.87
C VAL B 109 12.78 -7.65 18.58
N LEU B 110 12.36 -8.65 19.35
CA LEU B 110 11.00 -9.24 19.19
C LEU B 110 10.35 -9.32 20.57
N GLY B 111 9.02 -9.27 20.63
CA GLY B 111 8.34 -9.25 21.94
C GLY B 111 7.12 -10.13 21.97
N VAL B 112 7.00 -10.98 23.00
CA VAL B 112 5.81 -11.79 23.17
C VAL B 112 4.89 -11.02 24.10
N PHE B 113 3.78 -10.53 23.56
CA PHE B 113 2.84 -9.73 24.34
C PHE B 113 1.57 -10.53 24.60
N ARG B 114 0.84 -10.11 25.62
CA ARG B 114 -0.47 -10.68 25.90
C ARG B 114 -1.49 -10.11 24.90
N LEU B 115 -2.27 -11.00 24.27
CA LEU B 115 -3.34 -10.57 23.36
C LEU B 115 -4.33 -9.68 24.10
N PRO B 116 -4.49 -8.41 23.71
CA PRO B 116 -5.51 -7.58 24.35
C PRO B 116 -6.89 -8.03 23.94
N ARG B 117 -7.85 -7.82 24.83
CA ARG B 117 -9.24 -8.19 24.60
C ARG B 117 -10.09 -6.95 24.84
N ARG B 118 -10.61 -6.38 23.75
CA ARG B 118 -11.31 -5.11 23.78
C ARG B 118 -12.73 -5.29 23.27
N SER B 119 -13.66 -4.63 23.95
CA SER B 119 -15.08 -4.69 23.54
C SER B 119 -15.53 -3.28 23.17
N LEU B 120 -16.42 -3.21 22.21
CA LEU B 120 -16.98 -1.92 21.83
C LEU B 120 -17.86 -1.31 22.93
N ALA B 121 -18.30 -2.14 23.88
CA ALA B 121 -19.33 -1.72 24.84
C ALA B 121 -19.01 -0.39 25.51
N GLY B 122 -17.76 -0.23 25.95
CA GLY B 122 -17.41 1.01 26.63
C GLY B 122 -17.54 2.24 25.74
N VAL B 123 -17.24 2.09 24.45
CA VAL B 123 -16.86 3.21 23.60
C VAL B 123 -17.94 4.28 23.57
N THR B 124 -17.51 5.53 23.79
CA THR B 124 -18.35 6.70 23.56
C THR B 124 -17.61 7.64 22.62
N LEU B 125 -18.30 8.06 21.57
CA LEU B 125 -17.67 8.97 20.60
C LEU B 125 -18.10 10.39 20.96
N GLY B 126 -17.40 11.37 20.43
CA GLY B 126 -17.78 12.76 20.69
C GLY B 126 -18.85 13.25 19.76
N ALA B 127 -18.93 14.57 19.60
CA ALA B 127 -20.03 15.15 18.79
C ALA B 127 -19.83 15.00 17.28
N ALA B 128 -18.58 15.00 16.82
CA ALA B 128 -18.35 14.96 15.36
C ALA B 128 -17.27 13.94 15.07
N PRO B 129 -17.56 12.65 15.25
CA PRO B 129 -16.53 11.65 15.07
C PRO B 129 -16.15 11.33 13.64
N LEU B 130 -14.95 10.82 13.46
CA LEU B 130 -14.50 10.36 12.12
C LEU B 130 -14.44 8.83 12.23
N VAL B 131 -15.35 8.13 11.56
CA VAL B 131 -15.40 6.65 11.73
C VAL B 131 -15.21 5.94 10.38
N LEU B 132 -14.51 4.81 10.38
CA LEU B 132 -14.33 4.01 9.14
C LEU B 132 -14.95 2.63 9.39
N VAL B 133 -15.90 2.23 8.56
CA VAL B 133 -16.51 0.87 8.70
C VAL B 133 -15.99 -0.01 7.56
N LEU B 134 -15.16 -1.00 7.90
CA LEU B 134 -14.62 -1.93 6.88
C LEU B 134 -15.51 -3.17 6.82
N LEU B 135 -16.18 -3.38 5.69
CA LEU B 135 -17.11 -4.53 5.56
C LEU B 135 -16.45 -5.62 4.71
N GLY B 136 -16.67 -6.89 5.07
CA GLY B 136 -16.04 -7.99 4.34
C GLY B 136 -14.70 -8.36 4.96
N LEU B 137 -14.03 -9.37 4.42
CA LEU B 137 -12.72 -9.80 4.96
C LEU B 137 -11.60 -9.26 4.05
N GLU B 138 -10.78 -8.36 4.58
CA GLU B 138 -9.66 -7.79 3.78
C GLU B 138 -8.39 -8.60 4.04
N LYS B 139 -7.53 -8.72 3.04
CA LYS B 139 -6.25 -9.39 3.24
C LYS B 139 -5.43 -8.68 4.31
N PRO B 140 -4.55 -9.40 5.05
CA PRO B 140 -3.83 -8.79 6.16
C PRO B 140 -2.97 -7.58 5.83
N GLY B 141 -2.22 -7.66 4.74
CA GLY B 141 -1.34 -6.55 4.34
C GLY B 141 -2.14 -5.30 4.02
N ASN B 142 -3.25 -5.46 3.30
CA ASN B 142 -4.12 -4.29 2.99
C ASN B 142 -4.67 -3.73 4.30
N LEU B 143 -5.21 -4.61 5.16
CA LEU B 143 -5.79 -4.16 6.45
C LEU B 143 -4.75 -3.32 7.21
N GLY B 144 -3.53 -3.86 7.37
CA GLY B 144 -2.47 -3.12 8.07
C GLY B 144 -2.32 -1.73 7.47
N ALA B 145 -2.27 -1.64 6.14
CA ALA B 145 -2.09 -0.35 5.49
C ALA B 145 -3.31 0.55 5.69
N ILE B 146 -4.50 -0.03 5.67
CA ILE B 146 -5.74 0.78 5.93
C ILE B 146 -5.63 1.38 7.34
N LEU B 147 -5.22 0.58 8.32
CA LEU B 147 -5.20 1.06 9.72
C LEU B 147 -4.17 2.18 9.90
N ARG B 148 -3.06 2.14 9.17
CA ARG B 148 -2.05 3.21 9.24
C ARG B 148 -2.68 4.52 8.74
N ALA B 149 -3.35 4.44 7.60
CA ALA B 149 -4.05 5.63 7.08
C ALA B 149 -5.03 6.14 8.13
N ALA B 150 -5.79 5.24 8.73
CA ALA B 150 -6.77 5.65 9.77
C ALA B 150 -6.04 6.34 10.92
N ASP B 151 -4.95 5.73 11.38
CA ASP B 151 -4.14 6.36 12.46
C ASP B 151 -3.70 7.75 12.00
N GLY B 152 -3.11 7.83 10.79
CA GLY B 152 -2.64 9.14 10.33
C GLY B 152 -3.74 10.20 10.32
N ALA B 153 -4.92 9.84 9.81
CA ALA B 153 -5.98 10.85 9.74
C ALA B 153 -6.69 11.07 11.06
N GLY B 154 -6.39 10.24 12.07
CA GLY B 154 -6.99 10.41 13.40
C GLY B 154 -8.41 9.89 13.47
N ALA B 155 -8.67 8.73 12.84
CA ALA B 155 -10.01 8.11 12.93
C ALA B 155 -10.37 7.90 14.40
N ASP B 156 -11.58 8.30 14.79
CA ASP B 156 -12.02 8.14 16.20
C ASP B 156 -12.42 6.68 16.45
N LEU B 157 -12.74 5.95 15.39
CA LEU B 157 -13.18 4.54 15.54
C LEU B 157 -13.08 3.79 14.20
N VAL B 158 -12.60 2.56 14.24
CA VAL B 158 -12.58 1.72 13.01
C VAL B 158 -13.36 0.43 13.33
N LEU B 159 -14.37 0.11 12.54
CA LEU B 159 -15.16 -1.12 12.78
C LEU B 159 -14.82 -2.15 11.69
N VAL B 160 -14.40 -3.34 12.09
CA VAL B 160 -14.02 -4.41 11.11
C VAL B 160 -14.93 -5.63 11.36
N ALA B 161 -14.85 -6.64 10.48
CA ALA B 161 -15.70 -7.84 10.59
C ALA B 161 -15.38 -8.58 11.90
N GLU B 162 -16.34 -9.35 12.41
CA GLU B 162 -16.17 -10.04 13.72
C GLU B 162 -14.92 -10.94 13.75
N GLY B 163 -14.61 -11.64 12.65
CA GLY B 163 -13.50 -12.60 12.69
C GLY B 163 -12.16 -12.02 12.28
N VAL B 164 -12.06 -10.68 12.20
CA VAL B 164 -10.80 -10.05 11.70
C VAL B 164 -9.68 -10.23 12.74
N ASP B 165 -8.51 -10.71 12.30
CA ASP B 165 -7.34 -10.83 13.22
C ASP B 165 -6.50 -9.55 13.10
N LEU B 166 -6.37 -8.80 14.20
CA LEU B 166 -5.62 -7.52 14.17
C LEU B 166 -4.19 -7.75 14.68
N PHE B 167 -3.85 -8.98 15.06
CA PHE B 167 -2.52 -9.24 15.67
C PHE B 167 -1.72 -10.19 14.78
N SER B 168 -2.04 -10.24 13.50
CA SER B 168 -1.25 -11.04 12.55
C SER B 168 0.04 -10.27 12.26
N PRO B 169 1.12 -10.94 11.84
CA PRO B 169 2.36 -10.25 11.52
C PRO B 169 2.23 -9.17 10.46
N GLN B 170 1.37 -9.39 9.47
CA GLN B 170 1.26 -8.42 8.34
C GLN B 170 0.54 -7.15 8.80
N VAL B 171 -0.44 -7.29 9.68
CA VAL B 171 -1.21 -6.11 10.16
C VAL B 171 -0.24 -5.29 11.01
N ILE B 172 0.55 -5.93 11.86
CA ILE B 172 1.52 -5.19 12.69
C ILE B 172 2.55 -4.49 11.78
N ARG B 173 3.12 -5.23 10.84
CA ARG B 173 4.19 -4.67 9.98
C ARG B 173 3.64 -3.55 9.07
N ASN B 174 2.53 -3.80 8.38
CA ASN B 174 1.99 -2.82 7.39
C ASN B 174 1.34 -1.62 8.11
N SER B 175 0.98 -1.77 9.39
CA SER B 175 0.44 -0.65 10.21
C SER B 175 1.59 0.17 10.81
N THR B 176 2.83 -0.26 10.64
CA THR B 176 3.98 0.38 11.29
C THR B 176 3.72 0.39 12.79
N GLY B 177 3.00 -0.62 13.29
CA GLY B 177 2.67 -0.69 14.72
C GLY B 177 1.49 0.18 15.11
N ALA B 178 0.87 0.87 14.16
CA ALA B 178 -0.21 1.78 14.51
C ALA B 178 -1.45 1.04 15.02
N VAL B 179 -1.57 -0.25 14.69
CA VAL B 179 -2.73 -1.02 15.13
C VAL B 179 -2.86 -1.08 16.65
N PHE B 180 -1.77 -0.91 17.40
CA PHE B 180 -1.85 -1.22 18.83
C PHE B 180 -2.67 -0.18 19.59
N ALA B 181 -2.54 1.09 19.22
CA ALA B 181 -3.26 2.16 19.94
C ALA B 181 -4.53 2.57 19.18
N LEU B 182 -4.69 2.09 17.95
CA LEU B 182 -5.85 2.51 17.11
C LEU B 182 -7.14 1.91 17.68
N PRO B 183 -8.22 2.70 17.84
CA PRO B 183 -9.50 2.16 18.29
C PRO B 183 -10.20 1.36 17.20
N VAL B 184 -9.74 0.14 16.97
CA VAL B 184 -10.34 -0.74 15.92
C VAL B 184 -11.04 -1.91 16.62
N TYR B 185 -12.28 -2.23 16.21
CA TYR B 185 -13.06 -3.28 16.94
C TYR B 185 -13.69 -4.25 15.97
N PRO B 186 -13.33 -5.56 16.02
CA PRO B 186 -13.99 -6.56 15.19
C PRO B 186 -15.37 -6.77 15.76
N VAL B 187 -16.41 -6.48 14.98
CA VAL B 187 -17.80 -6.54 15.50
C VAL B 187 -18.72 -7.23 14.49
N ALA B 188 -19.84 -7.75 14.99
CA ALA B 188 -20.85 -8.34 14.10
C ALA B 188 -21.51 -7.22 13.30
N GLU B 189 -21.95 -7.54 12.10
CA GLU B 189 -22.62 -6.53 11.22
C GLU B 189 -23.77 -5.83 11.97
N GLU B 190 -24.64 -6.58 12.65
CA GLU B 190 -25.80 -5.98 13.35
C GLU B 190 -25.30 -5.05 14.46
N GLU B 191 -24.23 -5.48 15.16
CA GLU B 191 -23.66 -4.64 16.24
C GLU B 191 -23.13 -3.35 15.61
N ALA B 192 -22.53 -3.46 14.44
CA ALA B 192 -21.97 -2.28 13.76
C ALA B 192 -23.12 -1.36 13.34
N ALA B 193 -24.11 -1.91 12.66
CA ALA B 193 -25.28 -1.12 12.22
C ALA B 193 -25.91 -0.48 13.45
N ARG B 194 -26.03 -1.26 14.50
CA ARG B 194 -26.71 -0.77 15.69
C ARG B 194 -25.91 0.36 16.33
N PHE B 195 -24.60 0.22 16.46
CA PHE B 195 -23.76 1.24 17.06
C PHE B 195 -23.87 2.54 16.27
N LEU B 196 -23.82 2.43 14.95
CA LEU B 196 -23.90 3.61 14.11
C LEU B 196 -25.25 4.27 14.21
N GLU B 197 -26.34 3.48 14.22
CA GLU B 197 -27.68 4.03 14.40
C GLU B 197 -27.80 4.81 15.70
N GLU B 198 -27.31 4.23 16.79
CA GLU B 198 -27.54 4.83 18.11
C GLU B 198 -26.71 6.07 18.33
N GLN B 199 -25.78 6.32 17.42
CA GLN B 199 -25.01 7.58 17.46
C GLN B 199 -25.63 8.54 16.43
N ASN B 200 -26.58 8.08 15.62
CA ASN B 200 -27.18 8.92 14.54
C ASN B 200 -26.07 9.44 13.64
N LEU B 201 -25.13 8.57 13.30
CA LEU B 201 -23.97 8.99 12.49
C LEU B 201 -24.33 8.86 11.00
N PRO B 202 -24.23 9.95 10.21
CA PRO B 202 -24.39 9.84 8.76
C PRO B 202 -23.45 8.79 8.18
N LEU B 203 -24.00 7.91 7.37
CA LEU B 203 -23.19 6.86 6.71
C LEU B 203 -22.88 7.34 5.29
N VAL B 204 -21.62 7.20 4.88
CA VAL B 204 -21.17 7.65 3.53
C VAL B 204 -20.52 6.45 2.84
N ALA B 205 -21.18 5.93 1.82
CA ALA B 205 -20.68 4.73 1.13
C ALA B 205 -19.70 5.11 0.02
N ALA B 206 -18.49 4.55 0.09
CA ALA B 206 -17.51 4.78 -0.98
C ALA B 206 -17.69 3.72 -2.04
N THR B 207 -18.01 4.15 -3.25
CA THR B 207 -18.24 3.20 -4.35
C THR B 207 -17.93 3.88 -5.65
N PRO B 208 -17.24 3.19 -6.58
CA PRO B 208 -16.92 3.76 -7.87
C PRO B 208 -18.10 4.37 -8.62
N GLU B 209 -19.32 3.96 -8.35
CA GLU B 209 -20.51 4.47 -9.08
C GLU B 209 -21.27 5.49 -8.23
N GLY B 210 -20.68 5.92 -7.12
CA GLY B 210 -21.30 6.92 -6.25
C GLY B 210 -21.85 8.10 -7.02
N GLU B 211 -23.00 8.60 -6.59
CA GLU B 211 -23.69 9.71 -7.29
C GLU B 211 -22.92 11.02 -7.12
N ARG B 212 -22.14 11.13 -6.06
CA ARG B 212 -21.43 12.39 -5.80
C ARG B 212 -19.93 12.15 -5.72
N LEU B 213 -19.16 13.19 -5.99
CA LEU B 213 -17.70 13.08 -5.79
C LEU B 213 -17.48 13.13 -4.27
N TYR B 214 -16.42 12.49 -3.79
CA TYR B 214 -16.17 12.41 -2.33
C TYR B 214 -15.97 13.80 -1.73
N TRP B 215 -15.44 14.74 -2.51
CA TRP B 215 -15.24 16.13 -2.02
C TRP B 215 -16.57 16.85 -1.79
N GLU B 216 -17.66 16.34 -2.34
CA GLU B 216 -18.97 17.05 -2.27
C GLU B 216 -19.72 16.67 -0.99
N GLY B 217 -19.39 15.54 -0.41
CA GLY B 217 -19.99 15.20 0.89
C GLY B 217 -19.62 16.23 1.94
N ASP B 218 -20.50 16.40 2.92
CA ASP B 218 -20.18 17.32 4.04
C ASP B 218 -19.81 16.46 5.25
N TYR B 219 -18.56 16.51 5.70
CA TYR B 219 -18.09 15.63 6.79
C TYR B 219 -17.71 16.47 8.00
N ARG B 220 -18.16 17.72 8.03
CA ARG B 220 -17.79 18.63 9.12
C ARG B 220 -18.51 18.25 10.42
N GLY B 221 -19.65 17.56 10.31
CA GLY B 221 -20.44 17.23 11.50
C GLY B 221 -20.34 15.78 11.91
N GLY B 222 -19.42 15.03 11.35
CA GLY B 222 -19.41 13.63 11.76
C GLY B 222 -19.70 12.72 10.59
N VAL B 223 -18.95 11.64 10.50
CA VAL B 223 -19.10 10.78 9.30
C VAL B 223 -18.66 9.34 9.61
N ALA B 224 -19.40 8.38 9.08
CA ALA B 224 -18.96 6.98 9.14
C ALA B 224 -18.78 6.57 7.68
N PHE B 225 -17.54 6.43 7.24
CA PHE B 225 -17.30 5.96 5.88
C PHE B 225 -17.44 4.44 5.81
N LEU B 226 -18.12 3.96 4.78
CA LEU B 226 -18.26 2.54 4.53
C LEU B 226 -17.38 2.17 3.35
N LEU B 227 -16.47 1.25 3.60
CA LEU B 227 -15.50 0.83 2.56
C LEU B 227 -15.51 -0.70 2.49
N GLY B 228 -15.60 -1.22 1.28
CA GLY B 228 -15.59 -2.68 1.11
C GLY B 228 -14.19 -3.21 0.91
N ALA B 229 -14.05 -4.53 0.94
CA ALA B 229 -12.74 -5.17 0.74
C ALA B 229 -12.26 -4.98 -0.70
N GLU B 230 -10.95 -5.06 -0.91
CA GLU B 230 -10.37 -4.83 -2.26
C GLU B 230 -10.96 -5.85 -3.25
N ASP B 231 -11.21 -7.07 -2.79
N LYS B 232 -14.03 -7.28 -4.15
CA LYS B 232 -14.81 -7.20 -2.89
C LYS B 232 -16.13 -6.43 -3.13
N GLY B 233 -16.22 -5.18 -2.67
CA GLY B 233 -17.45 -4.38 -2.86
C GLY B 233 -18.31 -4.32 -1.62
N LEU B 234 -19.09 -3.26 -1.46
CA LEU B 234 -19.99 -3.12 -0.32
C LEU B 234 -21.27 -3.91 -0.54
N PRO B 235 -21.87 -4.44 0.53
CA PRO B 235 -23.19 -5.07 0.38
C PRO B 235 -24.23 -4.03 0.00
N GLU B 236 -25.23 -4.48 -0.77
CA GLU B 236 -26.22 -3.56 -1.30
C GLU B 236 -27.04 -2.90 -0.20
N ALA B 237 -27.35 -3.65 0.86
CA ALA B 237 -28.16 -3.07 1.94
C ALA B 237 -27.45 -1.88 2.56
N TRP B 238 -26.13 -1.96 2.64
CA TRP B 238 -25.37 -0.87 3.29
C TRP B 238 -25.32 0.34 2.35
N LYS B 239 -25.09 0.11 1.06
CA LYS B 239 -25.08 1.23 0.10
C LYS B 239 -26.39 1.99 0.11
N ARG B 240 -27.52 1.27 0.12
CA ARG B 240 -28.82 1.93 0.06
C ARG B 240 -29.12 2.68 1.35
N ARG B 241 -28.72 2.12 2.50
CA ARG B 241 -28.97 2.77 3.77
C ARG B 241 -28.18 4.06 3.92
N ALA B 242 -27.05 4.17 3.21
CA ALA B 242 -26.17 5.32 3.36
C ALA B 242 -26.86 6.59 2.92
N GLN B 243 -26.54 7.69 3.56
CA GLN B 243 -27.14 8.99 3.20
C GLN B 243 -26.60 9.42 1.83
N VAL B 244 -25.33 9.12 1.57
CA VAL B 244 -24.71 9.50 0.28
C VAL B 244 -23.75 8.40 -0.18
N ARG B 245 -23.74 8.13 -1.48
CA ARG B 245 -22.74 7.21 -2.05
C ARG B 245 -21.76 8.12 -2.79
N VAL B 246 -20.48 8.04 -2.44
CA VAL B 246 -19.48 8.96 -3.03
C VAL B 246 -18.44 8.17 -3.82
N ARG B 247 -17.95 8.79 -4.89
CA ARG B 247 -16.92 8.16 -5.73
C ARG B 247 -15.65 8.99 -5.78
N ILE B 248 -14.54 8.30 -5.95
CA ILE B 248 -13.25 9.00 -6.15
C ILE B 248 -13.04 9.05 -7.67
N PRO B 249 -12.90 10.25 -8.25
CA PRO B 249 -12.68 10.36 -9.69
C PRO B 249 -11.50 9.56 -10.22
N MET B 250 -11.70 8.84 -11.32
CA MET B 250 -10.66 8.01 -11.95
C MET B 250 -10.55 8.48 -13.41
N ARG B 251 -9.51 9.22 -13.76
CA ARG B 251 -9.44 9.87 -15.08
C ARG B 251 -8.72 9.05 -16.16
N GLY B 252 -8.35 7.82 -15.86
CA GLY B 252 -7.63 7.01 -16.85
C GLY B 252 -8.29 5.69 -17.07
N ARG B 253 -7.50 4.67 -17.33
CA ARG B 253 -8.04 3.32 -17.61
C ARG B 253 -8.32 2.58 -16.30
N ALA B 254 -7.60 2.94 -15.23
CA ALA B 254 -7.83 2.24 -13.97
C ALA B 254 -9.25 2.48 -13.49
N ASP B 255 -9.88 1.43 -12.99
CA ASP B 255 -11.30 1.58 -12.58
C ASP B 255 -11.38 1.77 -11.07
N SER B 256 -10.32 1.41 -10.37
CA SER B 256 -10.32 1.48 -8.89
C SER B 256 -8.93 1.77 -8.33
N LEU B 257 -8.87 2.23 -7.09
CA LEU B 257 -7.58 2.45 -6.41
C LEU B 257 -7.43 1.37 -5.33
N ASN B 258 -6.25 1.26 -4.74
CA ASN B 258 -6.03 0.31 -3.62
C ASN B 258 -6.94 0.72 -2.46
N VAL B 259 -7.39 -0.23 -1.65
CA VAL B 259 -8.33 0.09 -0.55
C VAL B 259 -7.67 1.06 0.45
N ALA B 260 -6.38 0.88 0.70
CA ALA B 260 -5.69 1.72 1.70
C ALA B 260 -5.65 3.16 1.20
N VAL B 261 -5.41 3.32 -0.10
CA VAL B 261 -5.39 4.68 -0.70
C VAL B 261 -6.80 5.28 -0.61
N THR B 262 -7.80 4.48 -0.94
CA THR B 262 -9.19 4.97 -0.90
C THR B 262 -9.49 5.42 0.52
N ALA B 263 -9.16 4.58 1.48
CA ALA B 263 -9.42 4.92 2.89
C ALA B 263 -8.76 6.25 3.23
N ALA B 264 -7.50 6.41 2.86
CA ALA B 264 -6.77 7.65 3.18
C ALA B 264 -7.43 8.87 2.53
N LEU B 265 -7.72 8.75 1.24
CA LEU B 265 -8.32 9.88 0.50
C LEU B 265 -9.59 10.34 1.24
N LEU B 266 -10.43 9.38 1.60
CA LEU B 266 -11.71 9.70 2.28
C LEU B 266 -11.45 10.34 3.65
N LEU B 267 -10.58 9.74 4.44
CA LEU B 267 -10.35 10.24 5.82
C LEU B 267 -9.68 11.62 5.78
N TYR B 268 -8.73 11.82 4.88
CA TYR B 268 -8.00 13.12 4.86
C TYR B 268 -8.93 14.18 4.28
N GLU B 269 -9.89 13.79 3.46
CA GLU B 269 -10.90 14.76 2.95
C GLU B 269 -11.74 15.27 4.12
N ALA B 270 -12.16 14.35 4.98
CA ALA B 270 -12.95 14.75 6.16
C ALA B 270 -12.10 15.67 7.03
N LEU B 271 -10.84 15.29 7.21
CA LEU B 271 -9.91 16.13 8.01
C LEU B 271 -9.76 17.49 7.34
N ARG B 272 -9.67 17.51 6.01
CA ARG B 272 -9.56 18.80 5.29
C ARG B 272 -10.75 19.67 5.67
N GLN B 273 -11.95 19.10 5.63
CA GLN B 273 -13.18 19.89 5.89
C GLN B 273 -13.22 20.33 7.36
N ARG B 274 -12.71 19.51 8.27
CA ARG B 274 -12.71 19.84 9.71
C ARG B 274 -11.60 20.83 9.99
N SER B 275 -10.72 21.04 9.03
CA SER B 275 -9.59 21.98 9.19
C SER B 275 -9.89 23.31 8.48
N GLY B 276 -11.15 23.56 8.12
CA GLY B 276 -11.54 24.84 7.50
C GLY B 276 -11.97 24.70 6.05
N GLY B 277 -11.84 23.50 5.51
CA GLY B 277 -12.16 23.28 4.11
C GLY B 277 -13.65 23.20 3.87
N ALA B 278 -14.05 23.55 2.67
CA ALA B 278 -15.47 23.48 2.31
C ALA B 278 -15.70 22.31 1.38
N PRO B 279 -16.88 21.67 1.47
CA PRO B 279 -17.22 20.67 0.50
C PRO B 279 -17.18 21.30 -0.89
N LEU B 280 -16.76 20.53 -1.88
CA LEU B 280 -16.70 21.03 -3.26
C LEU B 280 -18.13 21.25 -3.79
N1 2MU C 40 8.64 4.23 8.12
C2 2MU C 40 8.05 4.70 9.27
N3 2MU C 40 8.81 5.60 9.97
C4 2MU C 40 10.07 6.06 9.65
C5 2MU C 40 10.63 5.54 8.42
C6 2MU C 40 9.89 4.66 7.72
O2 2MU C 40 6.95 4.35 9.64
O4 2MU C 40 10.64 6.88 10.37
C1' 2MU C 40 7.86 3.27 7.33
C2' 2MU C 40 7.92 3.60 5.83
O2' 2MU C 40 6.86 4.48 5.47
C3' 2MU C 40 7.72 2.22 5.22
C4' 2MU C 40 8.47 1.31 6.20
O3' 2MU C 40 6.35 1.86 5.13
O4' 2MU C 40 8.42 1.99 7.47
C5' 2MU C 40 9.91 1.04 5.83
O5' 2MU C 40 10.47 0.15 6.80
C6' 2MU C 40 7.33 5.80 5.24
P 2MU C 40 11.79 0.59 7.55
OP1 2MU C 40 11.59 2.00 7.99
OP2 2MU C 40 11.96 -0.37 8.70
N SAH D . 11.43 9.28 8.77
CA SAH D . 11.37 9.69 7.35
CB SAH D . 10.22 8.93 6.65
CG SAH D . 10.21 8.99 5.16
SD SAH D . 8.51 8.81 4.60
C SAH D . 11.13 11.20 7.33
O SAH D . 10.73 11.73 8.37
OXT SAH D . 11.39 11.79 6.31
C5' SAH D . 8.70 8.47 2.85
C4' SAH D . 8.22 9.61 2.00
O4' SAH D . 6.78 9.63 2.06
C3' SAH D . 8.65 10.98 2.48
O3' SAH D . 9.91 11.34 1.96
C2' SAH D . 7.54 11.86 1.91
O2' SAH D . 7.76 12.20 0.56
C1' SAH D . 6.32 10.97 2.06
N9 SAH D . 5.54 11.19 3.27
C8 SAH D . 5.18 10.24 4.18
N7 SAH D . 4.45 10.70 5.16
C5 SAH D . 4.32 12.05 4.88
C6 SAH D . 3.65 13.09 5.54
N6 SAH D . 2.97 12.94 6.67
N1 SAH D . 3.72 14.32 4.98
C2 SAH D . 4.39 14.47 3.84
N3 SAH D . 5.06 13.57 3.14
C4 SAH D . 4.98 12.36 3.71
N SAM E . -15.40 -4.23 -5.64
CA SAM E . -15.15 -2.85 -5.15
C SAM E . -16.39 -1.96 -5.36
O SAM E . -16.69 -1.18 -4.46
OXT SAM E . -17.01 -2.11 -6.41
CB SAM E . -13.96 -2.25 -5.89
CG SAM E . -12.65 -2.82 -5.41
SD SAM E . -11.69 -1.46 -4.70
CE SAM E . -10.04 -2.03 -5.04
C5' SAM E . -11.89 -1.86 -2.94
C4' SAM E . -12.70 -0.79 -2.23
O4' SAM E . -12.15 0.50 -2.57
C3' SAM E . -14.17 -0.75 -2.61
O3' SAM E . -14.97 -1.30 -1.58
C2' SAM E . -14.52 0.73 -2.80
O2' SAM E . -15.41 1.16 -1.79
C1' SAM E . -13.17 1.45 -2.72
N9 SAM E . -12.86 2.26 -3.88
C8 SAM E . -11.80 2.04 -4.74
N7 SAM E . -11.73 2.93 -5.70
C5 SAM E . -12.80 3.77 -5.47
C6 SAM E . -13.28 4.92 -6.15
N6 SAM E . -12.70 5.40 -7.23
N1 SAM E . -14.37 5.53 -5.65
C2 SAM E . -14.94 5.03 -4.54
N3 SAM E . -14.58 3.97 -3.83
C4 SAM E . -13.50 3.38 -4.34
#